data_4HMO
#
_entry.id   4HMO
#
_cell.length_a   43.644
_cell.length_b   63.442
_cell.length_c   135.803
_cell.angle_alpha   90.00
_cell.angle_beta   90.00
_cell.angle_gamma   90.00
#
_symmetry.space_group_name_H-M   'P 21 21 21'
#
loop_
_entity.id
_entity.type
_entity.pdbx_description
1 polymer 'Iron-compound ABC transporter, iron compound-binding protein'
2 non-polymer GLYCEROL
3 non-polymer 2-[3-(2-HYDROXY-1,1-DIHYDROXYMETHYL-ETHYLAMINO)-PROPYLAMINO]-2-HYDROXYMETHYL-PROPANE-1,3-DIOL
4 water water
#
_entity_poly.entity_id   1
_entity_poly.type   'polypeptide(L)'
_entity_poly.pdbx_seq_one_letter_code
;MGHHHHHHMNSVKNEENTSKEHAPDKIVLDHAFGQTILDKKPERVATIAWGNHDVALALGIVPVGFSKANYGVSADKGVL
PWTEEKIKELNGKANLFDDLDGLNFEAISNSKPDVILAGYSGITKEDYDTLSKIAPVAAYKSKPWQTLWRDMIKIDSKAL
GMEKEGDELIKNTEARISKELEKHPEIKGKIKGKKVLFTMINAADTSKFWIYTSKDPRANYLTDLGLVFPESLKEFESED
SFAKEISAEEANKINDADVIITYGDDKTLEALQKDPLLGKINAIKNGAVAVIPDNTPLAASCTPTPLSINYTIEEYLNLL
GNACKNAK
;
_entity_poly.pdbx_strand_id   A
#
# COMPACT_ATOMS: atom_id res chain seq x y z
N GLU A 21 32.62 5.63 -24.36
CA GLU A 21 32.28 5.78 -25.77
C GLU A 21 30.93 5.15 -26.14
N HIS A 22 30.67 3.92 -25.69
CA HIS A 22 29.36 3.33 -25.96
C HIS A 22 28.26 4.04 -25.18
N ALA A 23 27.18 4.35 -25.88
CA ALA A 23 26.01 4.98 -25.27
C ALA A 23 24.86 3.99 -25.28
N PRO A 24 24.60 3.34 -24.14
CA PRO A 24 23.50 2.38 -24.06
C PRO A 24 22.19 3.14 -24.25
N ASP A 25 21.12 2.44 -24.61
N ASP A 25 21.13 2.43 -24.62
CA ASP A 25 19.85 3.11 -24.82
CA ASP A 25 19.84 3.07 -24.79
C ASP A 25 19.32 3.61 -23.48
C ASP A 25 19.36 3.63 -23.46
N LYS A 26 18.48 4.62 -23.53
CA LYS A 26 18.00 5.28 -22.34
C LYS A 26 16.65 4.70 -21.91
N ILE A 27 16.38 4.76 -20.62
CA ILE A 27 15.03 4.53 -20.11
C ILE A 27 14.48 5.91 -19.84
N VAL A 28 13.28 6.19 -20.35
CA VAL A 28 12.66 7.49 -20.10
C VAL A 28 11.37 7.30 -19.30
N LEU A 29 11.35 7.85 -18.10
CA LEU A 29 10.20 7.72 -17.21
C LEU A 29 9.37 9.00 -17.18
N ASP A 30 8.06 8.87 -17.41
CA ASP A 30 7.16 9.99 -17.24
C ASP A 30 6.58 9.92 -15.83
N HIS A 31 6.63 11.04 -15.10
CA HIS A 31 6.10 11.06 -13.73
C HIS A 31 5.63 12.47 -13.35
N ALA A 32 5.26 12.65 -12.09
CA ALA A 32 4.63 13.88 -11.64
C ALA A 32 5.54 15.11 -11.71
N PHE A 33 6.85 14.89 -11.76
CA PHE A 33 7.79 16.02 -11.79
C PHE A 33 8.46 16.21 -13.16
N GLY A 34 7.87 15.60 -14.18
CA GLY A 34 8.43 15.69 -15.53
C GLY A 34 8.93 14.34 -16.00
N GLN A 35 10.21 14.24 -16.32
CA GLN A 35 10.77 12.97 -16.76
C GLN A 35 12.05 12.61 -16.04
N THR A 36 12.33 11.32 -15.97
CA THR A 36 13.62 10.85 -15.53
C THR A 36 14.24 10.04 -16.63
N ILE A 37 15.47 10.34 -16.97
CA ILE A 37 16.14 9.59 -18.01
C ILE A 37 17.38 8.95 -17.44
N LEU A 38 17.53 7.64 -17.64
CA LEU A 38 18.72 6.97 -17.16
C LEU A 38 19.19 5.92 -18.16
N ASP A 39 20.41 5.44 -17.97
CA ASP A 39 20.93 4.36 -18.81
C ASP A 39 20.32 3.00 -18.46
N LYS A 40 20.12 2.16 -19.47
CA LYS A 40 19.45 0.89 -19.23
C LYS A 40 20.23 0.01 -18.27
N LYS A 41 19.51 -0.79 -17.49
CA LYS A 41 20.12 -1.67 -16.50
C LYS A 41 20.99 -1.03 -15.40
N PRO A 42 20.40 -0.12 -14.63
CA PRO A 42 21.08 0.42 -13.44
C PRO A 42 21.37 -0.72 -12.46
N GLU A 43 22.55 -0.67 -11.82
CA GLU A 43 23.10 -1.81 -11.10
C GLU A 43 22.74 -1.73 -9.63
N ARG A 44 23.04 -0.59 -9.02
CA ARG A 44 22.83 -0.40 -7.61
C ARG A 44 21.48 0.29 -7.37
N VAL A 45 20.59 -0.41 -6.69
CA VAL A 45 19.22 0.08 -6.53
C VAL A 45 18.93 0.52 -5.12
N ALA A 46 18.63 1.80 -4.96
CA ALA A 46 18.09 2.29 -3.69
C ALA A 46 16.59 2.42 -3.87
N THR A 47 15.84 2.29 -2.79
CA THR A 47 14.43 2.62 -2.78
C THR A 47 14.13 3.48 -1.57
N ILE A 48 13.06 4.24 -1.65
CA ILE A 48 12.61 5.03 -0.51
C ILE A 48 11.11 4.84 -0.35
N ALA A 49 10.60 5.17 0.85
CA ALA A 49 9.18 5.07 1.20
C ALA A 49 8.62 3.65 1.24
N TRP A 50 7.33 3.56 1.54
CA TRP A 50 6.69 2.27 1.75
C TRP A 50 6.73 1.36 0.52
N GLY A 51 7.12 0.10 0.73
CA GLY A 51 6.87 -0.95 -0.24
C GLY A 51 7.70 -1.05 -1.51
N ASN A 52 8.37 0.02 -1.92
CA ASN A 52 9.11 -0.02 -3.18
C ASN A 52 10.23 -1.07 -3.19
N HIS A 53 10.90 -1.23 -2.06
CA HIS A 53 11.90 -2.27 -1.92
C HIS A 53 11.31 -3.67 -2.14
N ASP A 54 10.04 -3.88 -1.78
CA ASP A 54 9.43 -5.19 -1.99
C ASP A 54 9.29 -5.50 -3.47
N VAL A 55 9.17 -4.47 -4.30
CA VAL A 55 9.17 -4.69 -5.76
C VAL A 55 10.54 -5.19 -6.27
N ALA A 56 11.59 -4.50 -5.86
CA ALA A 56 12.94 -4.90 -6.25
C ALA A 56 13.22 -6.32 -5.77
N LEU A 57 12.91 -6.59 -4.51
CA LEU A 57 13.15 -7.92 -3.94
C LEU A 57 12.35 -9.00 -4.66
N ALA A 58 11.07 -8.73 -4.93
CA ALA A 58 10.24 -9.67 -5.69
C ALA A 58 10.80 -9.96 -7.06
N LEU A 59 11.54 -8.99 -7.61
CA LEU A 59 12.20 -9.18 -8.89
C LEU A 59 13.59 -9.78 -8.74
N GLY A 60 13.96 -10.16 -7.51
CA GLY A 60 15.23 -10.82 -7.28
C GLY A 60 16.40 -9.89 -7.05
N ILE A 61 16.11 -8.63 -6.72
CA ILE A 61 17.16 -7.63 -6.53
C ILE A 61 17.18 -7.12 -5.11
N VAL A 62 18.35 -7.18 -4.47
CA VAL A 62 18.50 -6.64 -3.12
C VAL A 62 18.96 -5.19 -3.18
N PRO A 63 18.15 -4.27 -2.65
CA PRO A 63 18.54 -2.85 -2.69
C PRO A 63 19.83 -2.60 -1.91
N VAL A 64 20.64 -1.65 -2.39
CA VAL A 64 21.83 -1.23 -1.65
C VAL A 64 21.38 -0.36 -0.48
N GLY A 65 20.10 0.00 -0.48
CA GLY A 65 19.52 0.79 0.59
C GLY A 65 18.01 0.94 0.40
N PHE A 66 17.26 0.90 1.49
CA PHE A 66 15.81 1.16 1.45
C PHE A 66 15.26 1.68 2.77
N SER A 67 14.04 2.21 2.76
CA SER A 67 13.50 2.91 3.89
C SER A 67 13.08 1.98 5.03
N LYS A 68 13.37 2.42 6.25
CA LYS A 68 12.99 1.72 7.47
C LYS A 68 11.47 1.74 7.69
N ALA A 69 10.92 0.64 8.18
CA ALA A 69 9.52 0.58 8.55
C ALA A 69 9.43 0.57 10.08
N ASN A 70 8.44 1.26 10.63
CA ASN A 70 8.15 1.12 12.06
C ASN A 70 6.67 0.87 12.34
N TYR A 71 5.91 0.62 11.27
CA TYR A 71 4.50 0.25 11.40
C TYR A 71 4.34 -1.24 11.15
N GLY A 72 3.86 -1.96 12.16
CA GLY A 72 3.73 -3.41 12.09
C GLY A 72 5.00 -4.11 12.52
N VAL A 73 6.00 -3.32 12.91
CA VAL A 73 7.28 -3.85 13.39
C VAL A 73 7.99 -2.78 14.21
N SER A 74 8.96 -3.17 15.02
CA SER A 74 9.70 -2.20 15.81
C SER A 74 10.73 -1.50 14.94
N ALA A 75 10.92 -0.21 15.18
CA ALA A 75 11.96 0.56 14.50
C ALA A 75 13.31 -0.15 14.60
N ASP A 76 13.50 -0.90 15.68
CA ASP A 76 14.73 -1.66 15.90
C ASP A 76 14.98 -2.66 14.79
N LYS A 77 13.93 -3.36 14.37
CA LYS A 77 14.06 -4.29 13.26
C LYS A 77 13.85 -3.54 11.96
N GLY A 78 12.78 -2.75 11.92
CA GLY A 78 12.52 -1.85 10.81
C GLY A 78 12.26 -2.51 9.47
N VAL A 79 11.99 -3.81 9.49
CA VAL A 79 11.71 -4.57 8.28
C VAL A 79 10.57 -5.56 8.57
N LEU A 80 9.63 -5.67 7.63
CA LEU A 80 8.50 -6.59 7.79
C LEU A 80 8.91 -8.02 7.43
N PRO A 81 8.20 -9.02 7.98
CA PRO A 81 8.57 -10.43 7.85
C PRO A 81 8.78 -10.89 6.42
N TRP A 82 7.87 -10.52 5.53
CA TRP A 82 7.95 -10.97 4.15
C TRP A 82 9.16 -10.33 3.44
N THR A 83 9.47 -9.09 3.81
CA THR A 83 10.66 -8.44 3.26
C THR A 83 11.94 -9.14 3.76
N GLU A 84 12.00 -9.36 5.07
CA GLU A 84 13.16 -10.03 5.67
C GLU A 84 13.33 -11.41 5.05
N GLU A 85 12.24 -12.14 4.92
CA GLU A 85 12.30 -13.46 4.33
C GLU A 85 12.90 -13.44 2.92
N LYS A 86 12.44 -12.51 2.08
CA LYS A 86 12.89 -12.48 0.69
C LYS A 86 14.38 -12.11 0.59
N ILE A 87 14.83 -11.24 1.48
CA ILE A 87 16.24 -10.87 1.53
C ILE A 87 17.11 -12.08 1.87
N LYS A 88 16.77 -12.75 2.97
CA LYS A 88 17.50 -13.94 3.38
C LYS A 88 17.53 -14.96 2.25
N GLU A 89 16.42 -15.13 1.58
CA GLU A 89 16.34 -16.04 0.45
C GLU A 89 17.26 -15.64 -0.71
N LEU A 90 17.48 -14.33 -0.86
CA LEU A 90 18.37 -13.82 -1.91
C LEU A 90 19.81 -13.75 -1.41
N ASN A 91 20.04 -14.30 -0.22
CA ASN A 91 21.35 -14.26 0.41
C ASN A 91 21.90 -12.85 0.55
N GLY A 92 21.02 -11.91 0.87
CA GLY A 92 21.42 -10.52 1.01
C GLY A 92 21.37 -9.98 2.43
N LYS A 93 21.80 -8.74 2.59
CA LYS A 93 21.70 -8.02 3.85
C LYS A 93 20.59 -6.99 3.74
N ALA A 94 20.06 -6.55 4.87
CA ALA A 94 19.12 -5.44 4.86
C ALA A 94 19.83 -4.13 5.19
N ASN A 95 20.02 -3.29 4.18
CA ASN A 95 20.58 -1.96 4.43
CA ASN A 95 20.60 -1.98 4.39
C ASN A 95 19.51 -0.92 4.56
N LEU A 96 19.25 -0.52 5.80
CA LEU A 96 18.17 0.40 6.09
C LEU A 96 18.61 1.84 6.23
N PHE A 97 17.91 2.73 5.55
CA PHE A 97 18.07 4.14 5.79
C PHE A 97 17.44 4.49 7.13
N ASP A 98 18.17 5.23 7.95
CA ASP A 98 17.61 5.74 9.18
C ASP A 98 16.73 6.93 8.84
N ASP A 99 15.57 6.65 8.25
CA ASP A 99 14.74 7.75 7.73
C ASP A 99 13.29 7.76 8.23
N LEU A 100 13.04 7.21 9.42
CA LEU A 100 11.69 7.27 9.98
C LEU A 100 11.24 8.72 10.16
N ASP A 101 12.18 9.61 10.45
CA ASP A 101 11.86 11.03 10.68
C ASP A 101 11.71 11.84 9.38
N GLY A 102 12.25 11.31 8.29
CA GLY A 102 12.26 12.03 7.02
C GLY A 102 13.36 11.49 6.14
N LEU A 103 13.31 11.84 4.86
CA LEU A 103 14.30 11.34 3.92
C LEU A 103 15.68 11.60 4.49
N ASN A 104 16.55 10.60 4.42
CA ASN A 104 17.93 10.72 4.85
C ASN A 104 18.84 10.84 3.64
N PHE A 105 19.00 12.05 3.12
CA PHE A 105 19.77 12.27 1.88
C PHE A 105 21.21 11.76 1.99
N GLU A 106 21.82 12.02 3.15
CA GLU A 106 23.16 11.50 3.40
C GLU A 106 23.23 9.98 3.24
N ALA A 107 22.34 9.26 3.94
CA ALA A 107 22.38 7.80 3.85
C ALA A 107 22.11 7.32 2.43
N ILE A 108 21.13 7.93 1.76
CA ILE A 108 20.85 7.55 0.38
C ILE A 108 22.10 7.69 -0.50
N SER A 109 22.73 8.85 -0.39
CA SER A 109 23.92 9.13 -1.22
C SER A 109 25.03 8.11 -0.95
N ASN A 110 25.25 7.80 0.32
CA ASN A 110 26.35 6.88 0.68
C ASN A 110 26.14 5.47 0.17
N SER A 111 24.89 5.12 -0.17
CA SER A 111 24.64 3.82 -0.76
C SER A 111 25.06 3.80 -2.23
N LYS A 112 25.39 4.98 -2.75
CA LYS A 112 25.88 5.11 -4.13
C LYS A 112 24.94 4.46 -5.14
N PRO A 113 23.67 4.89 -5.16
CA PRO A 113 22.71 4.20 -6.03
C PRO A 113 22.82 4.65 -7.48
N ASP A 114 22.46 3.76 -8.41
CA ASP A 114 22.32 4.14 -9.82
C ASP A 114 20.89 4.57 -10.11
N VAL A 115 19.97 4.21 -9.21
CA VAL A 115 18.59 4.66 -9.34
C VAL A 115 17.92 4.66 -7.98
N ILE A 116 16.90 5.51 -7.84
CA ILE A 116 16.13 5.56 -6.61
C ILE A 116 14.65 5.31 -6.93
N LEU A 117 14.11 4.21 -6.41
CA LEU A 117 12.72 3.84 -6.66
C LEU A 117 11.77 4.47 -5.67
N ALA A 118 10.83 5.26 -6.17
CA ALA A 118 9.86 5.97 -5.33
C ALA A 118 8.45 5.96 -5.94
N GLY A 119 8.11 4.88 -6.65
CA GLY A 119 6.86 4.80 -7.39
C GLY A 119 5.64 5.03 -6.54
N TYR A 120 5.67 4.50 -5.32
CA TYR A 120 4.67 4.82 -4.32
C TYR A 120 5.41 5.61 -3.27
N SER A 121 5.03 6.87 -3.08
CA SER A 121 5.76 7.74 -2.16
C SER A 121 5.04 9.07 -1.98
N GLY A 122 5.52 9.87 -1.03
CA GLY A 122 4.93 11.18 -0.82
C GLY A 122 5.87 12.33 -1.10
N ILE A 123 6.89 12.11 -1.92
CA ILE A 123 7.93 13.14 -2.11
C ILE A 123 7.38 14.45 -2.68
N THR A 124 7.94 15.56 -2.21
CA THR A 124 7.57 16.86 -2.74
C THR A 124 8.49 17.18 -3.93
N LYS A 125 8.21 18.31 -4.57
CA LYS A 125 9.04 18.79 -5.67
C LYS A 125 10.48 18.99 -5.19
N GLU A 126 10.61 19.56 -4.00
CA GLU A 126 11.91 19.83 -3.41
C GLU A 126 12.65 18.53 -3.08
N ASP A 127 11.93 17.55 -2.54
CA ASP A 127 12.49 16.22 -2.33
C ASP A 127 13.01 15.69 -3.67
N TYR A 128 12.16 15.73 -4.68
CA TYR A 128 12.51 15.21 -6.00
C TYR A 128 13.80 15.87 -6.51
N ASP A 129 13.86 17.19 -6.45
CA ASP A 129 15.01 17.92 -6.99
C ASP A 129 16.30 17.50 -6.29
N THR A 130 16.22 17.30 -4.97
CA THR A 130 17.41 16.92 -4.19
C THR A 130 17.78 15.48 -4.43
N LEU A 131 16.80 14.59 -4.43
CA LEU A 131 17.09 13.20 -4.68
C LEU A 131 17.74 13.06 -6.05
N SER A 132 17.28 13.89 -6.99
CA SER A 132 17.74 13.77 -8.38
C SER A 132 19.23 14.15 -8.55
N LYS A 133 19.77 14.91 -7.60
CA LYS A 133 21.23 15.22 -7.58
C LYS A 133 22.06 14.02 -7.12
N ILE A 134 21.37 13.02 -6.57
CA ILE A 134 22.02 11.79 -6.11
C ILE A 134 21.95 10.72 -7.19
N ALA A 135 20.73 10.48 -7.69
CA ALA A 135 20.55 9.49 -8.74
C ALA A 135 19.19 9.72 -9.41
N PRO A 136 18.97 9.11 -10.60
CA PRO A 136 17.69 9.24 -11.29
C PRO A 136 16.58 8.69 -10.40
N VAL A 137 15.46 9.41 -10.32
CA VAL A 137 14.37 9.05 -9.41
C VAL A 137 13.15 8.58 -10.18
N ALA A 138 12.62 7.43 -9.80
CA ALA A 138 11.37 6.95 -10.34
C ALA A 138 10.25 7.39 -9.42
N ALA A 139 9.60 8.49 -9.78
CA ALA A 139 8.57 9.09 -8.96
C ALA A 139 7.16 8.58 -9.31
N TYR A 140 6.21 8.85 -8.44
CA TYR A 140 4.81 8.55 -8.72
C TYR A 140 4.29 9.38 -9.89
N LYS A 141 3.22 8.87 -10.52
CA LYS A 141 2.65 9.48 -11.71
C LYS A 141 2.02 10.87 -11.53
N SER A 142 1.24 11.04 -10.47
CA SER A 142 0.49 12.29 -10.29
C SER A 142 0.53 12.88 -8.89
N LYS A 143 0.00 12.14 -7.93
CA LYS A 143 -0.21 12.66 -6.59
C LYS A 143 0.45 11.81 -5.52
N PRO A 144 0.92 12.46 -4.46
CA PRO A 144 1.62 11.76 -3.37
C PRO A 144 0.72 10.67 -2.80
N TRP A 145 1.29 9.48 -2.62
CA TRP A 145 0.60 8.33 -2.02
C TRP A 145 -0.61 7.85 -2.83
N GLN A 146 -0.68 8.24 -4.11
CA GLN A 146 -1.71 7.72 -4.98
C GLN A 146 -1.10 6.84 -6.04
N THR A 147 -0.62 5.67 -5.62
CA THR A 147 -0.10 4.68 -6.53
C THR A 147 -0.69 3.33 -6.12
N LEU A 148 -1.48 2.72 -6.99
CA LEU A 148 -2.00 1.38 -6.73
C LEU A 148 -0.88 0.34 -6.84
N TRP A 149 -1.06 -0.84 -6.23
CA TRP A 149 0.06 -1.79 -6.19
C TRP A 149 0.58 -2.22 -7.57
N ARG A 150 -0.31 -2.43 -8.54
CA ARG A 150 0.15 -2.84 -9.87
C ARG A 150 0.99 -1.73 -10.52
N ASP A 151 0.57 -0.49 -10.31
CA ASP A 151 1.29 0.64 -10.88
C ASP A 151 2.60 0.88 -10.15
N MET A 152 2.67 0.46 -8.88
CA MET A 152 3.94 0.59 -8.17
C MET A 152 4.95 -0.31 -8.85
N ILE A 153 4.48 -1.50 -9.21
CA ILE A 153 5.30 -2.46 -9.91
C ILE A 153 5.68 -1.92 -11.29
N LYS A 154 4.70 -1.41 -12.02
CA LYS A 154 4.97 -0.88 -13.34
C LYS A 154 6.03 0.23 -13.32
N ILE A 155 5.89 1.16 -12.39
CA ILE A 155 6.80 2.30 -12.33
C ILE A 155 8.21 1.86 -11.91
N ASP A 156 8.29 1.15 -10.80
CA ASP A 156 9.56 0.68 -10.26
C ASP A 156 10.31 -0.26 -11.22
N SER A 157 9.60 -1.20 -11.83
CA SER A 157 10.24 -2.16 -12.73
C SER A 157 10.72 -1.52 -14.03
N LYS A 158 9.97 -0.53 -14.51
CA LYS A 158 10.42 0.17 -15.72
C LYS A 158 11.72 0.93 -15.42
N ALA A 159 11.79 1.49 -14.22
CA ALA A 159 12.99 2.23 -13.81
C ALA A 159 14.21 1.29 -13.76
N LEU A 160 13.95 0.01 -13.51
CA LEU A 160 15.02 -0.98 -13.44
C LEU A 160 15.37 -1.56 -14.81
N GLY A 161 14.66 -1.14 -15.84
CA GLY A 161 14.84 -1.72 -17.15
C GLY A 161 14.27 -3.13 -17.18
N MET A 162 13.26 -3.38 -16.34
CA MET A 162 12.67 -4.71 -16.24
C MET A 162 11.16 -4.68 -16.38
N GLU A 163 10.66 -3.91 -17.35
CA GLU A 163 9.22 -3.81 -17.60
C GLU A 163 8.56 -5.17 -17.75
N LYS A 164 9.20 -6.05 -18.52
CA LYS A 164 8.64 -7.37 -18.83
C LYS A 164 8.57 -8.24 -17.60
N GLU A 165 9.62 -8.21 -16.79
CA GLU A 165 9.63 -8.97 -15.55
C GLU A 165 8.56 -8.42 -14.59
N GLY A 166 8.35 -7.11 -14.65
CA GLY A 166 7.35 -6.48 -13.80
C GLY A 166 5.95 -6.94 -14.19
N ASP A 167 5.69 -7.03 -15.49
CA ASP A 167 4.36 -7.45 -15.93
C ASP A 167 4.12 -8.90 -15.52
N GLU A 168 5.18 -9.70 -15.62
CA GLU A 168 5.11 -11.09 -15.22
C GLU A 168 4.89 -11.21 -13.71
N LEU A 169 5.50 -10.31 -12.94
CA LEU A 169 5.32 -10.28 -11.49
C LEU A 169 3.88 -9.90 -11.15
N ILE A 170 3.31 -8.97 -11.90
CA ILE A 170 1.91 -8.58 -11.69
C ILE A 170 0.99 -9.79 -11.95
N LYS A 171 1.24 -10.49 -13.06
CA LYS A 171 0.43 -11.65 -13.42
C LYS A 171 0.53 -12.77 -12.38
N ASN A 172 1.73 -12.99 -11.87
CA ASN A 172 1.91 -13.98 -10.81
C ASN A 172 1.26 -13.59 -9.48
N THR A 173 1.23 -12.29 -9.21
CA THR A 173 0.60 -11.81 -7.98
C THR A 173 -0.92 -11.92 -8.13
N GLU A 174 -1.42 -11.63 -9.32
CA GLU A 174 -2.85 -11.77 -9.60
C GLU A 174 -3.24 -13.25 -9.48
N ALA A 175 -2.39 -14.14 -9.99
CA ALA A 175 -2.62 -15.57 -9.83
C ALA A 175 -2.63 -16.01 -8.36
N ARG A 176 -1.70 -15.48 -7.57
CA ARG A 176 -1.64 -15.77 -6.14
C ARG A 176 -2.97 -15.43 -5.45
N ILE A 177 -3.49 -14.25 -5.76
CA ILE A 177 -4.76 -13.80 -5.20
C ILE A 177 -5.89 -14.72 -5.61
N SER A 178 -5.95 -15.01 -6.91
CA SER A 178 -7.00 -15.84 -7.48
C SER A 178 -6.94 -17.26 -6.89
N LYS A 179 -5.73 -17.75 -6.67
CA LYS A 179 -5.54 -19.07 -6.08
C LYS A 179 -6.08 -19.12 -4.67
N GLU A 180 -5.83 -18.08 -3.89
CA GLU A 180 -6.26 -18.10 -2.51
C GLU A 180 -7.78 -18.00 -2.43
N LEU A 181 -8.37 -17.22 -3.31
CA LEU A 181 -9.83 -17.12 -3.37
C LEU A 181 -10.46 -18.48 -3.70
N GLU A 182 -9.90 -19.17 -4.71
CA GLU A 182 -10.38 -20.48 -5.10
C GLU A 182 -10.34 -21.53 -3.98
N LYS A 183 -9.40 -21.34 -3.04
CA LYS A 183 -9.24 -22.23 -1.90
C LYS A 183 -10.26 -21.97 -0.81
N HIS A 184 -10.95 -20.83 -0.89
CA HIS A 184 -11.95 -20.48 0.12
C HIS A 184 -13.30 -20.13 -0.51
N PRO A 185 -13.97 -21.14 -1.09
CA PRO A 185 -15.22 -20.92 -1.83
C PRO A 185 -16.24 -20.12 -1.04
N GLU A 186 -16.42 -20.43 0.24
CA GLU A 186 -17.41 -19.72 1.04
C GLU A 186 -17.03 -18.25 1.17
N ILE A 187 -15.79 -17.98 1.56
CA ILE A 187 -15.37 -16.60 1.72
C ILE A 187 -15.49 -15.85 0.39
N LYS A 188 -14.99 -16.48 -0.68
CA LYS A 188 -15.00 -15.89 -2.01
C LYS A 188 -16.41 -15.45 -2.42
N GLY A 189 -17.40 -16.29 -2.14
CA GLY A 189 -18.78 -15.96 -2.47
C GLY A 189 -19.37 -14.93 -1.54
N LYS A 190 -18.92 -14.94 -0.28
CA LYS A 190 -19.49 -14.08 0.73
C LYS A 190 -19.05 -12.61 0.60
N ILE A 191 -17.82 -12.38 0.16
CA ILE A 191 -17.32 -11.02 0.00
C ILE A 191 -17.60 -10.48 -1.40
N LYS A 192 -17.87 -11.37 -2.35
CA LYS A 192 -18.07 -10.93 -3.73
C LYS A 192 -19.23 -9.92 -3.85
N GLY A 193 -18.93 -8.73 -4.34
CA GLY A 193 -19.94 -7.70 -4.53
C GLY A 193 -20.36 -6.95 -3.27
N LYS A 194 -19.78 -7.30 -2.13
CA LYS A 194 -20.07 -6.53 -0.92
C LYS A 194 -19.51 -5.12 -1.07
N LYS A 195 -20.32 -4.11 -0.73
CA LYS A 195 -19.91 -2.71 -0.82
C LYS A 195 -19.11 -2.36 0.43
N VAL A 196 -17.85 -2.02 0.23
CA VAL A 196 -16.96 -1.85 1.36
C VAL A 196 -16.34 -0.46 1.40
N LEU A 197 -15.99 -0.01 2.59
CA LEU A 197 -15.22 1.21 2.77
C LEU A 197 -14.06 0.94 3.71
N PHE A 198 -12.85 1.30 3.29
CA PHE A 198 -11.71 1.25 4.20
C PHE A 198 -11.63 2.60 4.89
N THR A 199 -11.56 2.60 6.22
CA THR A 199 -11.61 3.83 6.97
C THR A 199 -10.54 3.84 8.05
N MET A 200 -10.37 5.01 8.67
CA MET A 200 -9.63 5.12 9.91
C MET A 200 -10.54 5.81 10.91
N ILE A 201 -11.09 5.03 11.83
CA ILE A 201 -11.97 5.57 12.85
C ILE A 201 -11.29 5.48 14.21
N ASN A 202 -11.06 6.63 14.82
CA ASN A 202 -10.47 6.70 16.15
C ASN A 202 -11.56 6.70 17.22
N ALA A 203 -11.61 5.62 18.00
CA ALA A 203 -12.62 5.48 19.05
C ALA A 203 -12.46 6.55 20.12
N ALA A 204 -11.24 7.04 20.29
CA ALA A 204 -10.96 8.08 21.29
C ALA A 204 -11.37 9.47 20.80
N ASP A 205 -11.95 9.54 19.60
CA ASP A 205 -12.44 10.79 19.06
C ASP A 205 -13.28 10.53 17.82
N THR A 206 -14.60 10.44 18.00
CA THR A 206 -15.45 10.01 16.91
C THR A 206 -16.12 11.16 16.14
N SER A 207 -15.77 12.39 16.50
CA SER A 207 -16.37 13.57 15.87
C SER A 207 -16.05 13.60 14.37
N LYS A 208 -14.91 13.02 14.02
CA LYS A 208 -14.50 12.98 12.63
C LYS A 208 -13.74 11.67 12.38
N PHE A 209 -13.69 11.25 11.13
CA PHE A 209 -12.91 10.08 10.75
C PHE A 209 -12.52 10.15 9.27
N TRP A 210 -11.71 9.19 8.84
CA TRP A 210 -11.20 9.18 7.48
C TRP A 210 -11.74 8.01 6.67
N ILE A 211 -12.04 8.30 5.40
CA ILE A 211 -12.38 7.30 4.41
C ILE A 211 -11.34 7.31 3.30
N TYR A 212 -10.70 6.17 3.04
CA TYR A 212 -9.78 6.07 1.90
C TYR A 212 -10.54 5.97 0.58
N THR A 213 -10.08 6.72 -0.43
CA THR A 213 -10.75 6.71 -1.73
C THR A 213 -10.22 5.59 -2.60
N SER A 214 -10.80 5.44 -3.79
CA SER A 214 -10.39 4.39 -4.72
C SER A 214 -8.95 4.60 -5.20
N LYS A 215 -8.42 5.80 -5.01
CA LYS A 215 -7.04 6.12 -5.43
C LYS A 215 -6.00 5.63 -4.42
N ASP A 216 -6.44 5.24 -3.24
CA ASP A 216 -5.54 4.70 -2.24
C ASP A 216 -5.33 3.21 -2.47
N PRO A 217 -4.07 2.73 -2.42
CA PRO A 217 -3.82 1.32 -2.71
C PRO A 217 -4.51 0.36 -1.74
N ARG A 218 -4.75 0.79 -0.50
CA ARG A 218 -5.34 -0.13 0.48
C ARG A 218 -6.84 -0.32 0.25
N ALA A 219 -7.52 0.76 -0.10
CA ALA A 219 -8.93 0.66 -0.50
C ALA A 219 -9.00 -0.12 -1.81
N ASN A 220 -8.16 0.26 -2.77
CA ASN A 220 -8.25 -0.38 -4.09
C ASN A 220 -7.97 -1.89 -4.07
N TYR A 221 -7.05 -2.33 -3.21
CA TYR A 221 -6.74 -3.77 -3.09
C TYR A 221 -8.02 -4.58 -2.84
N LEU A 222 -8.95 -4.01 -2.10
CA LEU A 222 -10.20 -4.72 -1.77
C LEU A 222 -10.97 -5.14 -3.04
N THR A 223 -10.92 -4.30 -4.07
CA THR A 223 -11.59 -4.63 -5.32
C THR A 223 -10.90 -5.80 -6.02
N ASP A 224 -9.60 -5.98 -5.78
CA ASP A 224 -8.91 -7.16 -6.29
C ASP A 224 -9.43 -8.46 -5.67
N LEU A 225 -10.02 -8.35 -4.48
CA LEU A 225 -10.53 -9.51 -3.76
C LEU A 225 -12.01 -9.80 -4.04
N GLY A 226 -12.61 -8.98 -4.91
CA GLY A 226 -13.99 -9.16 -5.31
C GLY A 226 -14.95 -8.17 -4.70
N LEU A 227 -14.49 -7.36 -3.76
CA LEU A 227 -15.39 -6.37 -3.16
C LEU A 227 -15.56 -5.16 -4.08
N VAL A 228 -16.56 -4.33 -3.79
CA VAL A 228 -16.77 -3.11 -4.57
C VAL A 228 -16.99 -1.95 -3.62
N PHE A 229 -16.98 -0.73 -4.14
CA PHE A 229 -17.23 0.44 -3.33
C PHE A 229 -18.68 0.83 -3.46
N PRO A 230 -19.28 1.32 -2.37
CA PRO A 230 -20.65 1.84 -2.47
C PRO A 230 -20.64 3.18 -3.22
N GLU A 231 -21.80 3.56 -3.72
CA GLU A 231 -21.96 4.75 -4.56
C GLU A 231 -21.61 6.03 -3.78
N SER A 232 -21.83 6.00 -2.46
CA SER A 232 -21.52 7.11 -1.58
C SER A 232 -20.06 7.56 -1.66
N LEU A 233 -19.16 6.62 -1.93
CA LEU A 233 -17.73 6.95 -2.00
C LEU A 233 -17.45 7.98 -3.09
N LYS A 234 -18.27 7.94 -4.15
CA LYS A 234 -18.02 8.83 -5.30
C LYS A 234 -18.10 10.32 -4.91
N GLU A 235 -18.87 10.64 -3.88
CA GLU A 235 -18.98 12.01 -3.41
C GLU A 235 -17.59 12.50 -3.01
N PHE A 236 -16.75 11.57 -2.57
CA PHE A 236 -15.46 11.96 -1.98
C PHE A 236 -14.27 11.72 -2.89
N GLU A 237 -14.53 11.26 -4.10
CA GLU A 237 -13.47 10.96 -5.06
C GLU A 237 -12.97 12.23 -5.76
N SER A 238 -13.78 13.29 -5.70
CA SER A 238 -13.45 14.54 -6.40
C SER A 238 -12.20 15.24 -5.87
N GLU A 239 -12.02 15.24 -4.56
CA GLU A 239 -10.86 15.86 -3.95
C GLU A 239 -9.60 15.11 -4.36
N ASP A 240 -8.50 15.84 -4.55
CA ASP A 240 -7.24 15.20 -4.91
C ASP A 240 -6.48 14.72 -3.68
N SER A 241 -7.00 13.66 -3.06
CA SER A 241 -6.39 13.04 -1.90
C SER A 241 -6.67 11.54 -1.93
N PHE A 242 -5.88 10.77 -1.19
CA PHE A 242 -6.07 9.34 -1.14
C PHE A 242 -7.08 9.03 -0.04
N ALA A 243 -7.50 10.08 0.68
CA ALA A 243 -8.38 9.94 1.83
C ALA A 243 -9.14 11.23 2.10
N LYS A 244 -10.36 11.10 2.62
CA LYS A 244 -11.17 12.25 2.97
C LYS A 244 -11.62 12.18 4.41
N GLU A 245 -11.49 13.30 5.12
CA GLU A 245 -11.98 13.40 6.50
C GLU A 245 -13.42 13.87 6.47
N ILE A 246 -14.30 13.14 7.17
CA ILE A 246 -15.69 13.57 7.26
C ILE A 246 -16.15 13.58 8.71
N SER A 247 -17.12 14.42 9.01
CA SER A 247 -17.64 14.54 10.36
C SER A 247 -18.61 13.41 10.67
N ALA A 248 -18.73 13.08 11.94
CA ALA A 248 -19.75 12.13 12.37
C ALA A 248 -21.13 12.58 11.89
N GLU A 249 -21.33 13.88 11.74
CA GLU A 249 -22.63 14.41 11.30
C GLU A 249 -23.01 13.92 9.91
N GLU A 250 -22.00 13.63 9.10
CA GLU A 250 -22.18 13.17 7.72
C GLU A 250 -22.20 11.67 7.63
N ALA A 251 -22.02 11.00 8.77
CA ALA A 251 -21.80 9.55 8.78
C ALA A 251 -22.90 8.81 8.05
N ASN A 252 -24.11 9.36 8.09
CA ASN A 252 -25.26 8.73 7.47
C ASN A 252 -25.13 8.62 5.95
N LYS A 253 -24.22 9.39 5.38
CA LYS A 253 -23.93 9.32 3.94
C LYS A 253 -23.47 7.91 3.52
N ILE A 254 -22.86 7.18 4.44
CA ILE A 254 -22.30 5.88 4.06
C ILE A 254 -23.12 4.69 4.59
N ASN A 255 -24.42 4.92 4.79
CA ASN A 255 -25.32 3.84 5.19
C ASN A 255 -25.50 2.80 4.08
N ASP A 256 -25.04 3.11 2.87
CA ASP A 256 -25.08 2.15 1.78
C ASP A 256 -23.91 1.15 1.78
N ALA A 257 -22.96 1.32 2.70
CA ALA A 257 -21.87 0.35 2.85
C ALA A 257 -22.37 -0.97 3.48
N ASP A 258 -22.00 -2.10 2.88
CA ASP A 258 -22.29 -3.40 3.49
C ASP A 258 -21.33 -3.70 4.63
N VAL A 259 -20.08 -3.29 4.45
CA VAL A 259 -19.05 -3.67 5.41
C VAL A 259 -18.05 -2.51 5.53
N ILE A 260 -17.48 -2.35 6.71
CA ILE A 260 -16.50 -1.30 6.92
C ILE A 260 -15.25 -1.90 7.48
N ILE A 261 -14.11 -1.43 6.97
CA ILE A 261 -12.83 -1.87 7.48
C ILE A 261 -12.17 -0.71 8.19
N THR A 262 -11.63 -0.97 9.37
CA THR A 262 -10.84 0.04 10.07
C THR A 262 -9.70 -0.59 10.85
N TYR A 263 -8.67 0.20 11.14
CA TYR A 263 -7.63 -0.25 12.05
C TYR A 263 -8.20 -0.07 13.46
N GLY A 264 -7.78 -0.91 14.40
CA GLY A 264 -8.21 -0.76 15.78
C GLY A 264 -7.78 -1.88 16.70
N ASP A 265 -8.52 -2.05 17.79
CA ASP A 265 -8.25 -3.12 18.75
C ASP A 265 -9.55 -3.82 19.14
N ASP A 266 -9.47 -4.74 20.08
CA ASP A 266 -10.64 -5.53 20.46
C ASP A 266 -11.75 -4.70 21.12
N LYS A 267 -11.46 -3.45 21.44
CA LYS A 267 -12.45 -2.56 22.04
C LYS A 267 -13.15 -1.71 20.98
N THR A 268 -12.56 -1.66 19.79
CA THR A 268 -13.02 -0.75 18.74
C THR A 268 -14.48 -0.92 18.34
N LEU A 269 -14.88 -2.15 18.01
CA LEU A 269 -16.23 -2.37 17.50
C LEU A 269 -17.29 -1.99 18.52
N GLU A 270 -17.10 -2.46 19.75
CA GLU A 270 -18.04 -2.17 20.81
C GLU A 270 -18.22 -0.66 20.93
N ALA A 271 -17.08 0.03 21.07
CA ALA A 271 -17.09 1.49 21.18
C ALA A 271 -17.88 2.14 20.06
N LEU A 272 -17.71 1.65 18.84
CA LEU A 272 -18.33 2.29 17.70
C LEU A 272 -19.83 2.10 17.72
N GLN A 273 -20.27 0.88 18.03
CA GLN A 273 -21.69 0.55 18.04
C GLN A 273 -22.43 1.32 19.14
N LYS A 274 -21.70 1.73 20.17
CA LYS A 274 -22.29 2.51 21.26
C LYS A 274 -22.26 4.01 20.95
N ASP A 275 -21.48 4.41 19.95
CA ASP A 275 -21.39 5.82 19.61
C ASP A 275 -22.73 6.35 19.14
N PRO A 276 -23.13 7.52 19.64
CA PRO A 276 -24.42 8.15 19.33
C PRO A 276 -24.63 8.38 17.84
N LEU A 277 -23.55 8.67 17.11
CA LEU A 277 -23.67 8.99 15.70
C LEU A 277 -23.20 7.85 14.80
N LEU A 278 -22.03 7.30 15.11
CA LEU A 278 -21.45 6.23 14.30
C LEU A 278 -22.19 4.92 14.50
N GLY A 279 -22.76 4.75 15.69
CA GLY A 279 -23.49 3.54 16.02
C GLY A 279 -24.77 3.37 15.22
N LYS A 280 -25.18 4.41 14.50
CA LYS A 280 -26.40 4.32 13.70
C LYS A 280 -26.11 3.94 12.25
N ILE A 281 -24.82 3.92 11.90
CA ILE A 281 -24.42 3.51 10.57
C ILE A 281 -24.75 2.04 10.41
N ASN A 282 -25.34 1.69 9.28
CA ASN A 282 -25.80 0.32 9.05
C ASN A 282 -24.72 -0.75 9.30
N ALA A 283 -23.61 -0.66 8.57
CA ALA A 283 -22.56 -1.68 8.71
C ALA A 283 -22.05 -1.82 10.15
N ILE A 284 -21.96 -0.71 10.87
CA ILE A 284 -21.45 -0.73 12.22
C ILE A 284 -22.45 -1.39 13.20
N LYS A 285 -23.72 -1.02 13.10
CA LYS A 285 -24.70 -1.61 14.00
C LYS A 285 -24.92 -3.09 13.67
N ASN A 286 -24.73 -3.46 12.41
CA ASN A 286 -24.79 -4.86 11.98
C ASN A 286 -23.62 -5.71 12.44
N GLY A 287 -22.56 -5.06 12.92
CA GLY A 287 -21.33 -5.76 13.25
C GLY A 287 -20.56 -6.20 12.01
N ALA A 288 -20.93 -5.63 10.86
CA ALA A 288 -20.22 -5.91 9.61
C ALA A 288 -18.99 -5.03 9.51
N VAL A 289 -18.04 -5.26 10.42
CA VAL A 289 -16.85 -4.44 10.55
C VAL A 289 -15.62 -5.31 10.72
N ALA A 290 -14.67 -5.15 9.81
CA ALA A 290 -13.39 -5.80 9.94
C ALA A 290 -12.45 -4.85 10.67
N VAL A 291 -12.02 -5.24 11.86
CA VAL A 291 -11.07 -4.42 12.61
C VAL A 291 -9.69 -5.01 12.44
N ILE A 292 -8.82 -4.27 11.76
CA ILE A 292 -7.45 -4.73 11.56
C ILE A 292 -6.64 -4.37 12.80
N PRO A 293 -6.08 -5.38 13.46
CA PRO A 293 -5.30 -5.09 14.68
C PRO A 293 -4.19 -4.10 14.37
N ASP A 294 -4.27 -2.92 14.99
CA ASP A 294 -3.34 -1.86 14.66
C ASP A 294 -1.90 -2.24 14.95
N ASN A 295 -0.99 -1.68 14.15
CA ASN A 295 0.45 -1.86 14.33
C ASN A 295 0.92 -3.31 14.32
N THR A 296 0.34 -4.11 13.42
CA THR A 296 0.73 -5.50 13.29
C THR A 296 1.20 -5.74 11.87
N PRO A 297 1.92 -6.85 11.63
CA PRO A 297 2.25 -7.13 10.23
C PRO A 297 0.99 -7.16 9.36
N LEU A 298 -0.11 -7.70 9.90
CA LEU A 298 -1.34 -7.72 9.12
C LEU A 298 -1.80 -6.31 8.77
N ALA A 299 -1.70 -5.39 9.73
CA ALA A 299 -2.10 -4.01 9.46
C ALA A 299 -1.20 -3.41 8.38
N ALA A 300 0.10 -3.67 8.48
CA ALA A 300 1.06 -3.21 7.48
C ALA A 300 0.69 -3.70 6.09
N SER A 301 0.34 -4.98 6.00
CA SER A 301 0.02 -5.61 4.72
C SER A 301 -1.19 -5.00 3.98
N CYS A 302 -2.06 -4.30 4.68
CA CYS A 302 -3.25 -3.75 4.01
C CYS A 302 -2.94 -2.74 2.91
N THR A 303 -1.75 -2.16 2.97
CA THR A 303 -1.19 -1.40 1.87
C THR A 303 -0.23 -2.35 1.16
N PRO A 304 -0.71 -3.08 0.14
CA PRO A 304 -0.08 -4.30 -0.34
C PRO A 304 1.13 -4.10 -1.23
N THR A 305 2.06 -5.04 -1.13
CA THR A 305 3.19 -5.14 -2.03
C THR A 305 3.15 -6.55 -2.57
N PRO A 306 3.89 -6.82 -3.65
CA PRO A 306 3.87 -8.18 -4.19
C PRO A 306 4.32 -9.21 -3.15
N LEU A 307 5.21 -8.81 -2.24
CA LEU A 307 5.67 -9.69 -1.16
C LEU A 307 4.63 -9.85 -0.04
N SER A 308 4.03 -8.74 0.39
CA SER A 308 3.05 -8.80 1.49
C SER A 308 1.82 -9.63 1.13
N ILE A 309 1.40 -9.55 -0.12
CA ILE A 309 0.20 -10.25 -0.57
C ILE A 309 0.31 -11.76 -0.36
N ASN A 310 1.39 -12.35 -0.88
CA ASN A 310 1.61 -13.78 -0.69
C ASN A 310 1.60 -14.17 0.77
N TYR A 311 2.23 -13.33 1.59
CA TYR A 311 2.41 -13.63 3.00
C TYR A 311 1.15 -13.59 3.86
N THR A 312 0.20 -12.70 3.51
CA THR A 312 -0.91 -12.41 4.41
C THR A 312 -2.32 -12.63 3.83
N ILE A 313 -2.40 -12.93 2.54
CA ILE A 313 -3.71 -12.96 1.90
C ILE A 313 -4.69 -13.93 2.56
N GLU A 314 -4.22 -15.10 3.00
CA GLU A 314 -5.11 -16.04 3.66
C GLU A 314 -5.69 -15.43 4.92
N GLU A 315 -4.83 -14.85 5.75
CA GLU A 315 -5.31 -14.26 7.00
C GLU A 315 -6.30 -13.11 6.76
N TYR A 316 -6.00 -12.28 5.76
CA TYR A 316 -6.83 -11.14 5.41
C TYR A 316 -8.22 -11.60 4.93
N LEU A 317 -8.24 -12.59 4.06
CA LEU A 317 -9.50 -13.11 3.52
C LEU A 317 -10.40 -13.62 4.64
N ASN A 318 -9.80 -14.28 5.62
CA ASN A 318 -10.56 -14.82 6.74
C ASN A 318 -11.15 -13.69 7.56
N LEU A 319 -10.38 -12.64 7.77
CA LEU A 319 -10.87 -11.49 8.50
C LEU A 319 -11.99 -10.80 7.72
N LEU A 320 -11.82 -10.69 6.40
CA LEU A 320 -12.84 -10.04 5.59
C LEU A 320 -14.11 -10.90 5.48
N GLY A 321 -13.93 -12.19 5.28
CA GLY A 321 -15.04 -13.12 5.16
C GLY A 321 -15.88 -13.07 6.42
N ASN A 322 -15.22 -13.03 7.56
CA ASN A 322 -15.90 -12.99 8.85
C ASN A 322 -16.73 -11.74 9.06
N ALA A 323 -16.21 -10.58 8.65
CA ALA A 323 -16.97 -9.34 8.77
C ALA A 323 -18.16 -9.32 7.79
N CYS A 324 -17.96 -9.86 6.61
CA CYS A 324 -18.99 -9.87 5.58
C CYS A 324 -20.14 -10.82 5.92
N LYS A 325 -19.88 -11.82 6.78
CA LYS A 325 -20.95 -12.69 7.28
C LYS A 325 -22.00 -11.88 8.03
N ASN A 326 -21.60 -10.76 8.60
CA ASN A 326 -22.50 -9.94 9.39
C ASN A 326 -23.30 -8.91 8.58
N ALA A 327 -23.00 -8.80 7.29
CA ALA A 327 -23.68 -7.84 6.44
C ALA A 327 -25.14 -8.26 6.23
N LYS A 328 -26.06 -7.30 6.34
CA LYS A 328 -27.49 -7.59 6.24
C LYS A 328 -28.12 -6.88 5.05
#